data_4NUV
#
_entry.id   4NUV
#
_cell.length_a   37.287
_cell.length_b   59.391
_cell.length_c   91.395
_cell.angle_alpha   103.14
_cell.angle_beta   91.04
_cell.angle_gamma   100.31
#
_symmetry.space_group_name_H-M   'P 1'
#
loop_
_entity.id
_entity.type
_entity.pdbx_description
1 polymer 'Duffy receptor'
2 polymer 'Duffy antigen/chemokine receptor'
3 non-polymer GLYCEROL
4 water water
#
loop_
_entity_poly.entity_id
_entity_poly.type
_entity_poly.pdbx_seq_one_letter_code
_entity_poly.pdbx_strand_id
1 'polypeptide(L)'
;ASNTVMKNCNYKRKRRERDWDCNTKKDVCIPDRRYQLCMKELTNLVNNTDTNFHRDITFRKLYLKRKLIYDAAVEGDLLL
KLNNYRYNKDFCKDIRWSLGDFGDIIMGTDMEGIGYSKVVENNLRSIFGTDEKAQQRRKQWWNESKAQIWTAMMYSVKKR
LKGNFIWICKLNVAVNIEPQIYRWIREWGRDYVSELPTEVQKLKEKCDGKINYTDKKVCKVPPCQNACKSYDQWITRKKN
QWDVLSNKFISVKNAEKVQTAGIVTPYDILKQELDEFNEVAFENEINKRDGAYIELCVCSVEEAKKNTQEVVTNVDN
;
A,B
2 'polypeptide(L)' GPTGTENSSQLDFEDVWNSSYGVNDSFPDGDYGA C,D
#
loop_
_chem_comp.id
_chem_comp.type
_chem_comp.name
_chem_comp.formula
GOL non-polymer GLYCEROL 'C3 H8 O3'
#
# COMPACT_ATOMS: atom_id res chain seq x y z
N ASN A 3 -9.44 8.94 -25.22
CA ASN A 3 -10.56 9.33 -24.36
C ASN A 3 -10.11 10.21 -23.19
N THR A 4 -11.02 10.48 -22.27
CA THR A 4 -10.75 11.37 -21.15
C THR A 4 -10.64 10.60 -19.84
N VAL A 5 -10.39 11.31 -18.75
CA VAL A 5 -10.35 10.68 -17.43
C VAL A 5 -11.03 11.54 -16.37
N MET A 6 -10.68 12.82 -16.31
CA MET A 6 -11.22 13.69 -15.27
C MET A 6 -12.62 14.16 -15.64
N LYS A 7 -12.80 14.52 -16.91
CA LYS A 7 -14.09 15.00 -17.39
C LYS A 7 -15.23 14.06 -17.00
N ASN A 8 -15.06 12.78 -17.28
CA ASN A 8 -16.12 11.82 -17.07
C ASN A 8 -16.28 11.41 -15.61
N CYS A 9 -15.49 12.02 -14.74
CA CYS A 9 -15.66 11.84 -13.30
C CYS A 9 -16.32 13.07 -12.68
N ASN A 10 -16.70 14.03 -13.52
CA ASN A 10 -17.41 15.21 -13.04
C ASN A 10 -18.88 15.19 -13.43
N TYR A 11 -19.18 14.64 -14.61
CA TYR A 11 -20.55 14.57 -15.09
C TYR A 11 -20.68 13.61 -16.27
N LYS A 12 -21.90 13.16 -16.53
CA LYS A 12 -22.20 12.27 -17.63
C LYS A 12 -23.05 12.98 -18.67
N ARG A 13 -22.90 12.60 -19.93
CA ARG A 13 -23.73 13.14 -21.00
C ARG A 13 -25.12 12.54 -20.89
N LYS A 14 -26.10 13.23 -21.46
CA LYS A 14 -27.48 12.75 -21.45
C LYS A 14 -27.56 11.37 -22.10
N ARG A 15 -28.47 10.53 -21.59
CA ARG A 15 -28.62 9.19 -22.11
C ARG A 15 -28.96 9.23 -23.60
N ARG A 16 -28.25 8.42 -24.38
CA ARG A 16 -28.47 8.33 -25.82
C ARG A 16 -28.16 9.64 -26.55
N GLU A 17 -27.35 10.48 -25.92
CA GLU A 17 -26.88 11.71 -26.55
C GLU A 17 -25.90 11.35 -27.68
N ARG A 18 -24.99 10.43 -27.38
CA ARG A 18 -24.10 9.88 -28.39
C ARG A 18 -24.44 8.40 -28.60
N ASP A 19 -24.76 8.04 -29.84
CA ASP A 19 -25.11 6.67 -30.16
C ASP A 19 -23.90 5.76 -29.99
N TRP A 20 -24.12 4.45 -30.06
CA TRP A 20 -23.03 3.48 -29.94
C TRP A 20 -22.01 3.71 -31.04
N ASP A 21 -20.77 3.26 -30.83
CA ASP A 21 -19.68 3.49 -31.78
C ASP A 21 -19.14 2.21 -32.39
N CYS A 22 -19.25 2.09 -33.71
CA CYS A 22 -18.80 0.90 -34.42
C CYS A 22 -17.60 1.18 -35.33
N ASN A 23 -17.10 2.40 -35.31
CA ASN A 23 -16.04 2.81 -36.23
C ASN A 23 -14.65 2.74 -35.60
N THR A 24 -14.56 2.89 -34.29
CA THR A 24 -13.27 2.86 -33.61
C THR A 24 -12.67 1.45 -33.68
N LYS A 25 -13.42 0.47 -33.17
CA LYS A 25 -13.05 -0.93 -33.34
C LYS A 25 -14.13 -1.59 -34.18
N LYS A 26 -13.74 -2.07 -35.36
CA LYS A 26 -14.70 -2.58 -36.34
C LYS A 26 -15.46 -3.82 -35.86
N ASP A 27 -14.86 -4.61 -34.98
CA ASP A 27 -15.46 -5.85 -34.54
C ASP A 27 -16.30 -5.73 -33.27
N VAL A 28 -16.58 -4.49 -32.85
CA VAL A 28 -17.32 -4.28 -31.61
C VAL A 28 -17.93 -2.88 -31.52
N CYS A 29 -19.12 -2.80 -30.92
CA CYS A 29 -19.79 -1.52 -30.69
C CYS A 29 -19.69 -1.11 -29.22
N ILE A 30 -19.17 0.09 -28.97
CA ILE A 30 -18.94 0.56 -27.61
C ILE A 30 -20.01 1.56 -27.17
N PRO A 31 -20.63 1.32 -26.01
CA PRO A 31 -21.65 2.24 -25.48
C PRO A 31 -21.01 3.46 -24.81
N ASP A 32 -21.61 4.63 -25.01
CA ASP A 32 -21.07 5.87 -24.47
C ASP A 32 -20.75 5.75 -22.99
N ARG A 33 -21.63 5.08 -22.25
CA ARG A 33 -21.44 4.86 -20.82
C ARG A 33 -20.06 4.27 -20.54
N ARG A 34 -19.65 3.32 -21.37
CA ARG A 34 -18.33 2.70 -21.21
C ARG A 34 -17.22 3.73 -21.36
N TYR A 35 -17.33 4.56 -22.39
CA TYR A 35 -16.34 5.63 -22.60
C TYR A 35 -16.27 6.55 -21.40
N GLN A 36 -17.44 6.86 -20.82
CA GLN A 36 -17.52 7.80 -19.72
C GLN A 36 -17.24 7.13 -18.37
N LEU A 37 -16.89 5.85 -18.40
CA LEU A 37 -16.63 5.12 -17.17
C LEU A 37 -15.51 5.80 -16.37
N CYS A 38 -15.78 6.09 -15.10
CA CYS A 38 -14.82 6.79 -14.25
C CYS A 38 -13.65 5.88 -13.88
N MET A 39 -12.44 6.33 -14.19
CA MET A 39 -11.23 5.58 -13.85
C MET A 39 -10.11 6.53 -13.42
N LYS A 40 -10.48 7.76 -13.07
CA LYS A 40 -9.53 8.79 -12.71
C LYS A 40 -8.44 8.26 -11.78
N GLU A 41 -8.84 7.80 -10.59
CA GLU A 41 -7.90 7.33 -9.59
C GLU A 41 -7.12 6.13 -10.10
N LEU A 42 -7.81 5.21 -10.75
CA LEU A 42 -7.20 3.99 -11.25
C LEU A 42 -6.17 4.30 -12.34
N THR A 43 -6.32 5.45 -12.97
CA THR A 43 -5.38 5.87 -14.02
C THR A 43 -4.09 6.41 -13.41
N ASN A 44 -4.22 7.18 -12.34
CA ASN A 44 -3.05 7.72 -11.65
C ASN A 44 -2.51 6.75 -10.60
N LEU A 45 -2.93 5.50 -10.68
CA LEU A 45 -2.49 4.47 -9.75
C LEU A 45 -0.97 4.43 -9.67
N VAL A 46 -0.32 4.32 -10.83
CA VAL A 46 1.14 4.30 -10.89
C VAL A 46 1.65 5.19 -12.02
N PHE A 53 9.08 -2.56 -7.23
CA PHE A 53 8.52 -1.25 -7.53
C PHE A 53 7.16 -1.10 -6.84
N HIS A 54 7.13 -1.42 -5.55
CA HIS A 54 5.91 -1.31 -4.75
C HIS A 54 4.84 -2.32 -5.15
N ARG A 55 5.22 -3.58 -5.30
CA ARG A 55 4.26 -4.64 -5.58
C ARG A 55 4.00 -5.43 -4.29
N ASP A 56 3.86 -4.70 -3.19
CA ASP A 56 3.64 -5.28 -1.88
C ASP A 56 2.23 -5.88 -1.80
N ILE A 57 2.00 -6.71 -0.78
CA ILE A 57 0.69 -7.30 -0.58
C ILE A 57 -0.35 -6.21 -0.35
N THR A 58 0.03 -5.20 0.43
CA THR A 58 -0.87 -4.10 0.76
C THR A 58 -1.21 -3.26 -0.47
N PHE A 59 -0.31 -3.29 -1.45
CA PHE A 59 -0.49 -2.47 -2.65
C PHE A 59 -1.71 -2.93 -3.45
N ARG A 60 -1.92 -4.24 -3.53
CA ARG A 60 -3.03 -4.78 -4.29
C ARG A 60 -4.24 -5.09 -3.40
N LYS A 61 -3.99 -5.36 -2.13
CA LYS A 61 -5.05 -5.73 -1.20
C LYS A 61 -5.74 -4.50 -0.60
N LEU A 62 -4.99 -3.42 -0.42
CA LEU A 62 -5.53 -2.21 0.20
C LEU A 62 -5.50 -1.01 -0.74
N TYR A 63 -4.30 -0.58 -1.11
CA TYR A 63 -4.15 0.61 -1.95
C TYR A 63 -5.03 0.51 -3.20
N LEU A 64 -4.82 -0.53 -3.98
CA LEU A 64 -5.60 -0.75 -5.19
C LEU A 64 -7.08 -0.74 -4.86
N LYS A 65 -7.46 -1.50 -3.84
CA LYS A 65 -8.85 -1.65 -3.45
C LYS A 65 -9.47 -0.31 -3.07
N ARG A 66 -8.69 0.53 -2.41
CA ARG A 66 -9.18 1.82 -1.93
C ARG A 66 -9.48 2.76 -3.09
N LYS A 67 -8.58 2.81 -4.07
CA LYS A 67 -8.73 3.71 -5.20
C LYS A 67 -9.88 3.27 -6.12
N LEU A 68 -10.13 1.96 -6.17
CA LEU A 68 -11.22 1.43 -6.97
C LEU A 68 -12.54 1.67 -6.27
N ILE A 69 -12.54 1.49 -4.95
CA ILE A 69 -13.74 1.72 -4.16
C ILE A 69 -14.17 3.18 -4.26
N TYR A 70 -13.22 4.09 -4.25
CA TYR A 70 -13.53 5.50 -4.38
C TYR A 70 -14.04 5.78 -5.79
N ASP A 71 -13.41 5.14 -6.77
CA ASP A 71 -13.84 5.26 -8.16
CA ASP A 71 -13.84 5.26 -8.16
C ASP A 71 -15.27 4.79 -8.33
N ALA A 72 -15.62 3.70 -7.65
CA ALA A 72 -16.95 3.13 -7.72
C ALA A 72 -18.00 4.12 -7.20
N ALA A 73 -17.70 4.74 -6.07
CA ALA A 73 -18.64 5.64 -5.43
C ALA A 73 -18.92 6.87 -6.29
N VAL A 74 -17.88 7.39 -6.94
CA VAL A 74 -18.07 8.55 -7.81
C VAL A 74 -18.91 8.15 -9.01
N GLU A 75 -18.62 6.97 -9.55
CA GLU A 75 -19.37 6.45 -10.70
C GLU A 75 -20.84 6.32 -10.34
N GLY A 76 -21.12 5.68 -9.21
CA GLY A 76 -22.48 5.47 -8.75
C GLY A 76 -23.21 6.77 -8.51
N ASP A 77 -22.52 7.73 -7.92
CA ASP A 77 -23.11 9.03 -7.63
C ASP A 77 -23.52 9.75 -8.91
N LEU A 78 -22.68 9.68 -9.93
CA LEU A 78 -22.98 10.34 -11.20
C LEU A 78 -24.11 9.63 -11.95
N LEU A 79 -24.20 8.31 -11.80
CA LEU A 79 -25.26 7.55 -12.42
C LEU A 79 -26.60 7.89 -11.77
N LEU A 80 -26.56 8.20 -10.48
CA LEU A 80 -27.76 8.62 -9.77
C LEU A 80 -28.23 9.98 -10.29
N LYS A 81 -27.29 10.89 -10.49
CA LYS A 81 -27.64 12.22 -11.01
C LYS A 81 -28.08 12.13 -12.46
N LEU A 82 -27.42 11.26 -13.22
CA LEU A 82 -27.80 11.01 -14.61
C LEU A 82 -29.25 10.56 -14.68
N ASN A 83 -29.66 9.80 -13.68
CA ASN A 83 -31.03 9.29 -13.61
C ASN A 83 -31.96 10.26 -12.87
N ASN A 84 -31.54 11.52 -12.77
CA ASN A 84 -32.33 12.55 -12.11
C ASN A 84 -32.66 12.17 -10.67
N TYR A 85 -31.70 11.54 -10.01
CA TYR A 85 -31.82 11.14 -8.61
C TYR A 85 -32.97 10.17 -8.37
N ARG A 86 -33.46 9.54 -9.44
CA ARG A 86 -34.48 8.52 -9.30
C ARG A 86 -33.84 7.19 -8.92
N TYR A 87 -34.39 6.55 -7.90
CA TYR A 87 -33.90 5.26 -7.43
C TYR A 87 -34.80 4.14 -7.97
N ASN A 88 -34.59 3.78 -9.24
CA ASN A 88 -35.47 2.83 -9.91
C ASN A 88 -34.72 1.81 -10.76
N LYS A 89 -35.49 0.99 -11.48
CA LYS A 89 -34.94 -0.06 -12.35
C LYS A 89 -33.76 0.43 -13.18
N ASP A 90 -33.94 1.57 -13.84
CA ASP A 90 -32.93 2.09 -14.76
C ASP A 90 -31.62 2.40 -14.04
N PHE A 91 -31.72 2.95 -12.83
CA PHE A 91 -30.54 3.24 -12.03
C PHE A 91 -29.82 1.95 -11.68
N CYS A 92 -30.59 0.93 -11.31
CA CYS A 92 -30.01 -0.35 -10.90
C CYS A 92 -29.28 -1.04 -12.05
N LYS A 93 -29.80 -0.90 -13.26
CA LYS A 93 -29.17 -1.49 -14.43
C LYS A 93 -27.86 -0.78 -14.76
N ASP A 94 -27.87 0.54 -14.69
CA ASP A 94 -26.66 1.32 -14.93
C ASP A 94 -25.57 0.90 -13.94
N ILE A 95 -25.94 0.77 -12.67
CA ILE A 95 -25.01 0.32 -11.65
C ILE A 95 -24.47 -1.05 -12.02
N ARG A 96 -25.35 -1.90 -12.53
CA ARG A 96 -24.97 -3.25 -12.92
C ARG A 96 -24.01 -3.23 -14.11
N TRP A 97 -24.33 -2.42 -15.11
CA TRP A 97 -23.51 -2.33 -16.32
C TRP A 97 -22.11 -1.82 -16.00
N SER A 98 -22.02 -0.74 -15.24
CA SER A 98 -20.74 -0.16 -14.89
C SER A 98 -19.96 -1.08 -13.95
N LEU A 99 -20.67 -1.75 -13.05
CA LEU A 99 -20.03 -2.70 -12.15
C LEU A 99 -19.35 -3.81 -12.95
N GLY A 100 -20.05 -4.28 -13.98
CA GLY A 100 -19.54 -5.37 -14.80
C GLY A 100 -18.30 -4.97 -15.58
N ASP A 101 -18.27 -3.74 -16.08
CA ASP A 101 -17.14 -3.26 -16.86
C ASP A 101 -15.91 -3.10 -15.98
N PHE A 102 -16.09 -2.54 -14.79
CA PHE A 102 -15.02 -2.51 -13.81
C PHE A 102 -14.46 -3.92 -13.68
N GLY A 103 -15.36 -4.89 -13.53
CA GLY A 103 -14.99 -6.28 -13.39
C GLY A 103 -14.15 -6.78 -14.55
N ASP A 104 -14.58 -6.50 -15.78
CA ASP A 104 -13.86 -6.93 -16.96
C ASP A 104 -12.52 -6.20 -17.09
N ILE A 105 -12.45 -4.98 -16.60
CA ILE A 105 -11.20 -4.22 -16.63
C ILE A 105 -10.19 -4.84 -15.67
N ILE A 106 -10.64 -5.14 -14.45
CA ILE A 106 -9.80 -5.77 -13.46
C ILE A 106 -9.34 -7.15 -13.94
N MET A 107 -10.27 -7.91 -14.52
CA MET A 107 -9.98 -9.26 -14.97
C MET A 107 -9.27 -9.28 -16.33
N GLY A 108 -9.10 -8.11 -16.93
CA GLY A 108 -8.38 -7.99 -18.18
C GLY A 108 -9.12 -8.61 -19.35
N THR A 109 -10.45 -8.57 -19.31
CA THR A 109 -11.28 -9.09 -20.38
C THR A 109 -12.22 -8.01 -20.93
N ASP A 110 -11.78 -6.76 -20.87
CA ASP A 110 -12.55 -5.64 -21.39
C ASP A 110 -12.32 -5.50 -22.89
N MET A 111 -13.36 -5.13 -23.62
CA MET A 111 -13.31 -5.08 -25.08
C MET A 111 -13.10 -3.67 -25.63
N GLU A 112 -12.98 -2.68 -24.75
CA GLU A 112 -12.78 -1.30 -25.20
C GLU A 112 -11.32 -1.04 -25.54
N GLY A 113 -10.46 -1.05 -24.52
CA GLY A 113 -9.03 -0.90 -24.73
C GLY A 113 -8.65 0.30 -25.57
N ILE A 114 -9.06 1.48 -25.13
CA ILE A 114 -8.74 2.73 -25.82
C ILE A 114 -8.16 3.75 -24.84
N GLY A 115 -7.25 4.58 -25.35
CA GLY A 115 -6.68 5.65 -24.56
C GLY A 115 -6.21 5.21 -23.17
N TYR A 116 -6.75 5.87 -22.15
CA TYR A 116 -6.29 5.67 -20.78
C TYR A 116 -6.59 4.25 -20.27
N SER A 117 -7.43 3.52 -21.01
CA SER A 117 -7.70 2.12 -20.65
C SER A 117 -6.44 1.29 -20.85
N LYS A 118 -5.62 1.66 -21.83
CA LYS A 118 -4.35 1.00 -22.05
C LYS A 118 -3.39 1.30 -20.90
N VAL A 119 -3.45 2.53 -20.40
CA VAL A 119 -2.63 2.94 -19.25
C VAL A 119 -3.00 2.11 -18.03
N VAL A 120 -4.29 1.96 -17.77
CA VAL A 120 -4.77 1.21 -16.61
C VAL A 120 -4.36 -0.25 -16.73
N GLU A 121 -4.54 -0.82 -17.92
CA GLU A 121 -4.22 -2.22 -18.14
C GLU A 121 -2.74 -2.49 -17.85
N ASN A 122 -1.89 -1.53 -18.16
CA ASN A 122 -0.47 -1.66 -17.84
C ASN A 122 -0.22 -1.59 -16.34
N ASN A 123 -0.90 -0.66 -15.68
CA ASN A 123 -0.78 -0.51 -14.23
C ASN A 123 -1.17 -1.80 -13.52
N LEU A 124 -2.06 -2.58 -14.12
CA LEU A 124 -2.51 -3.84 -13.55
C LEU A 124 -1.55 -4.97 -13.87
N ARG A 125 -0.83 -4.86 -14.98
CA ARG A 125 0.17 -5.85 -15.35
C ARG A 125 1.38 -5.78 -14.41
N SER A 126 1.69 -4.57 -13.97
CA SER A 126 2.81 -4.35 -13.06
C SER A 126 2.48 -4.80 -11.64
N ILE A 127 1.20 -4.69 -11.27
CA ILE A 127 0.76 -5.01 -9.92
C ILE A 127 0.57 -6.51 -9.73
N PHE A 128 -0.15 -7.15 -10.66
CA PHE A 128 -0.47 -8.56 -10.54
C PHE A 128 0.60 -9.44 -11.17
N GLY A 129 1.33 -8.89 -12.14
CA GLY A 129 2.34 -9.64 -12.86
C GLY A 129 1.83 -10.02 -14.22
N THR A 130 2.69 -10.63 -15.03
CA THR A 130 2.34 -11.03 -16.38
C THR A 130 2.64 -12.50 -16.65
N ASP A 131 2.73 -13.29 -15.58
CA ASP A 131 3.01 -14.71 -15.72
C ASP A 131 1.75 -15.46 -16.14
N GLU A 132 1.83 -16.78 -16.17
CA GLU A 132 0.72 -17.61 -16.63
C GLU A 132 -0.53 -17.47 -15.75
N LYS A 133 -0.35 -17.64 -14.44
CA LYS A 133 -1.47 -17.66 -13.51
C LYS A 133 -1.88 -16.26 -13.03
N ALA A 134 -1.21 -15.23 -13.53
CA ALA A 134 -1.53 -13.86 -13.16
C ALA A 134 -2.99 -13.56 -13.49
N GLN A 135 -3.47 -14.14 -14.58
CA GLN A 135 -4.85 -13.93 -15.00
C GLN A 135 -5.83 -14.47 -13.96
N GLN A 136 -5.57 -15.69 -13.50
CA GLN A 136 -6.42 -16.32 -12.49
C GLN A 136 -6.43 -15.53 -11.18
N ARG A 137 -5.26 -15.01 -10.79
CA ARG A 137 -5.15 -14.23 -9.56
C ARG A 137 -6.03 -12.98 -9.63
N ARG A 138 -6.00 -12.31 -10.77
CA ARG A 138 -6.82 -11.12 -10.99
C ARG A 138 -8.31 -11.47 -10.92
N LYS A 139 -8.64 -12.71 -11.31
CA LYS A 139 -10.01 -13.18 -11.26
C LYS A 139 -10.47 -13.36 -9.81
N GLN A 140 -9.60 -13.97 -9.00
CA GLN A 140 -9.92 -14.20 -7.60
C GLN A 140 -10.00 -12.90 -6.83
N TRP A 141 -9.09 -11.98 -7.13
CA TRP A 141 -9.09 -10.67 -6.50
C TRP A 141 -10.43 -9.99 -6.66
N TRP A 142 -10.94 -9.98 -7.89
CA TRP A 142 -12.22 -9.35 -8.18
C TRP A 142 -13.37 -10.10 -7.50
N ASN A 143 -13.34 -11.43 -7.61
CA ASN A 143 -14.39 -12.26 -7.04
C ASN A 143 -14.55 -12.03 -5.54
N GLU A 144 -13.44 -11.78 -4.86
CA GLU A 144 -13.44 -11.59 -3.42
C GLU A 144 -13.44 -10.10 -3.06
N SER A 145 -13.78 -9.25 -4.03
CA SER A 145 -13.84 -7.81 -3.80
C SER A 145 -15.11 -7.16 -4.36
N LYS A 146 -15.69 -7.76 -5.39
CA LYS A 146 -16.80 -7.16 -6.11
C LYS A 146 -17.95 -6.73 -5.20
N ALA A 147 -18.22 -7.53 -4.18
CA ALA A 147 -19.31 -7.22 -3.24
C ALA A 147 -19.10 -5.84 -2.60
N GLN A 148 -17.86 -5.53 -2.26
CA GLN A 148 -17.52 -4.26 -1.64
C GLN A 148 -17.62 -3.13 -2.66
N ILE A 149 -17.19 -3.41 -3.88
CA ILE A 149 -17.19 -2.40 -4.94
C ILE A 149 -18.63 -1.98 -5.25
N TRP A 150 -19.53 -2.96 -5.27
CA TRP A 150 -20.94 -2.69 -5.51
C TRP A 150 -21.49 -1.77 -4.43
N THR A 151 -21.08 -2.02 -3.19
CA THR A 151 -21.55 -1.26 -2.05
C THR A 151 -21.12 0.20 -2.17
N ALA A 152 -19.88 0.41 -2.62
CA ALA A 152 -19.34 1.75 -2.80
C ALA A 152 -20.16 2.54 -3.81
N MET A 153 -20.62 1.88 -4.86
CA MET A 153 -21.41 2.55 -5.88
C MET A 153 -22.76 3.02 -5.31
N MET A 154 -23.23 2.33 -4.28
CA MET A 154 -24.52 2.65 -3.66
C MET A 154 -24.37 3.71 -2.57
N TYR A 155 -23.13 4.10 -2.27
CA TYR A 155 -22.86 5.04 -1.18
C TYR A 155 -23.84 6.21 -1.16
N SER A 156 -24.11 6.78 -2.33
CA SER A 156 -24.99 7.94 -2.42
C SER A 156 -26.41 7.63 -1.97
N VAL A 157 -26.94 6.51 -2.44
CA VAL A 157 -28.27 6.05 -2.04
C VAL A 157 -28.24 5.62 -0.58
N LYS A 158 -27.23 4.85 -0.23
CA LYS A 158 -27.04 4.37 1.13
C LYS A 158 -26.94 5.54 2.11
N LYS A 159 -26.48 6.68 1.62
CA LYS A 159 -26.30 7.87 2.44
C LYS A 159 -27.65 8.49 2.81
N ARG A 160 -28.72 8.03 2.15
CA ARG A 160 -30.07 8.48 2.46
C ARG A 160 -30.82 7.44 3.28
N LEU A 161 -30.68 6.17 2.91
CA LEU A 161 -31.35 5.08 3.61
C LEU A 161 -30.35 4.24 4.38
N PHE A 165 -30.95 0.26 1.52
CA PHE A 165 -30.25 0.52 0.27
C PHE A 165 -29.99 -0.79 -0.48
N ILE A 166 -29.88 -1.87 0.28
CA ILE A 166 -29.56 -3.18 -0.29
C ILE A 166 -30.76 -3.87 -0.91
N TRP A 167 -31.90 -3.18 -0.94
CA TRP A 167 -33.17 -3.85 -1.26
C TRP A 167 -33.64 -3.70 -2.71
N ILE A 168 -34.05 -2.50 -3.11
CA ILE A 168 -34.57 -2.33 -4.48
C ILE A 168 -33.52 -2.73 -5.52
N CYS A 169 -32.25 -2.58 -5.18
CA CYS A 169 -31.17 -3.02 -6.04
C CYS A 169 -30.53 -4.28 -5.45
N LYS A 170 -30.60 -5.37 -6.21
CA LYS A 170 -30.21 -6.67 -5.68
C LYS A 170 -28.74 -7.00 -5.97
N LEU A 171 -28.06 -7.46 -4.92
CA LEU A 171 -26.62 -7.75 -4.99
C LEU A 171 -26.32 -8.93 -5.91
N ASN A 172 -26.97 -10.06 -5.65
CA ASN A 172 -26.72 -11.29 -6.40
C ASN A 172 -26.76 -11.10 -7.91
N VAL A 173 -27.74 -10.32 -8.38
CA VAL A 173 -27.92 -10.10 -9.82
C VAL A 173 -26.73 -9.37 -10.42
N ALA A 174 -26.16 -8.43 -9.67
CA ALA A 174 -25.10 -7.58 -10.17
C ALA A 174 -23.73 -8.27 -10.13
N VAL A 175 -23.46 -8.99 -9.04
CA VAL A 175 -22.14 -9.60 -8.84
C VAL A 175 -21.95 -10.86 -9.66
N ASN A 176 -23.04 -11.39 -10.23
CA ASN A 176 -22.93 -12.57 -11.07
C ASN A 176 -22.12 -12.26 -12.33
N ILE A 177 -21.03 -12.99 -12.52
CA ILE A 177 -20.15 -12.74 -13.66
C ILE A 177 -20.84 -13.11 -14.96
N GLU A 178 -20.60 -12.30 -15.99
CA GLU A 178 -21.20 -12.51 -17.30
C GLU A 178 -20.27 -11.91 -18.34
N PRO A 179 -20.06 -12.63 -19.45
CA PRO A 179 -19.19 -12.06 -20.50
C PRO A 179 -19.65 -10.65 -20.86
N GLN A 180 -18.70 -9.75 -21.04
CA GLN A 180 -19.01 -8.35 -21.28
C GLN A 180 -20.00 -8.19 -22.43
N ILE A 181 -19.81 -8.95 -23.49
CA ILE A 181 -20.66 -8.83 -24.67
C ILE A 181 -22.11 -9.15 -24.34
N TYR A 182 -22.32 -10.06 -23.38
CA TYR A 182 -23.67 -10.38 -22.92
C TYR A 182 -24.34 -9.14 -22.36
N ARG A 183 -23.65 -8.46 -21.44
CA ARG A 183 -24.20 -7.28 -20.78
C ARG A 183 -24.43 -6.15 -21.78
N TRP A 184 -23.52 -5.98 -22.73
CA TRP A 184 -23.64 -4.91 -23.71
C TRP A 184 -24.84 -5.11 -24.63
N ILE A 185 -25.17 -6.36 -24.92
CA ILE A 185 -26.33 -6.66 -25.75
C ILE A 185 -27.61 -6.27 -25.02
N ARG A 186 -27.69 -6.60 -23.74
CA ARG A 186 -28.83 -6.24 -22.92
C ARG A 186 -29.01 -4.73 -22.91
N GLU A 187 -27.91 -4.02 -22.73
CA GLU A 187 -27.96 -2.56 -22.65
C GLU A 187 -28.39 -1.98 -23.99
N TRP A 188 -27.90 -2.56 -25.08
CA TRP A 188 -28.23 -2.07 -26.41
C TRP A 188 -29.71 -2.30 -26.71
N GLY A 189 -30.25 -3.41 -26.22
CA GLY A 189 -31.65 -3.73 -26.44
C GLY A 189 -32.55 -2.74 -25.72
N ARG A 190 -32.14 -2.34 -24.53
CA ARG A 190 -32.91 -1.38 -23.75
C ARG A 190 -32.93 -0.02 -24.47
N ASP A 191 -31.80 0.35 -25.05
CA ASP A 191 -31.70 1.62 -25.77
C ASP A 191 -32.51 1.57 -27.07
N TYR A 192 -32.57 0.39 -27.68
CA TYR A 192 -33.26 0.23 -28.96
C TYR A 192 -34.76 0.45 -28.81
N VAL A 193 -35.36 -0.17 -27.79
CA VAL A 193 -36.81 -0.09 -27.59
C VAL A 193 -37.23 1.27 -27.02
N SER A 194 -36.27 2.03 -26.51
CA SER A 194 -36.56 3.39 -26.06
C SER A 194 -36.61 4.33 -27.25
N GLU A 195 -35.82 4.04 -28.27
CA GLU A 195 -35.75 4.90 -29.45
C GLU A 195 -36.84 4.58 -30.47
N LEU A 196 -37.16 3.29 -30.61
CA LEU A 196 -38.07 2.84 -31.66
C LEU A 196 -39.37 3.66 -31.72
N PRO A 197 -40.07 3.80 -30.58
CA PRO A 197 -41.35 4.52 -30.60
C PRO A 197 -41.20 5.96 -31.09
N THR A 198 -40.19 6.66 -30.58
CA THR A 198 -39.93 8.04 -30.98
C THR A 198 -39.72 8.15 -32.48
N GLU A 199 -38.90 7.25 -33.04
CA GLU A 199 -38.57 7.30 -34.46
C GLU A 199 -39.78 6.97 -35.33
N VAL A 200 -40.58 6.00 -34.91
CA VAL A 200 -41.80 5.67 -35.63
C VAL A 200 -42.77 6.84 -35.55
N GLN A 201 -42.83 7.48 -34.38
CA GLN A 201 -43.71 8.63 -34.17
C GLN A 201 -43.41 9.74 -35.17
N LYS A 202 -42.14 10.12 -35.28
CA LYS A 202 -41.71 11.13 -36.24
C LYS A 202 -42.23 10.77 -37.62
N LEU A 203 -42.23 9.49 -37.93
CA LEU A 203 -42.60 9.01 -39.25
C LEU A 203 -44.10 9.18 -39.51
N LYS A 204 -44.92 8.61 -38.63
CA LYS A 204 -46.37 8.68 -38.76
C LYS A 204 -46.87 10.11 -38.93
N GLU A 205 -46.29 11.03 -38.16
CA GLU A 205 -46.75 12.41 -38.13
C GLU A 205 -46.39 13.20 -39.37
N LYS A 206 -45.74 12.56 -40.33
CA LYS A 206 -45.43 13.21 -41.60
C LYS A 206 -45.86 12.37 -42.81
N CYS A 207 -45.94 11.05 -42.64
CA CYS A 207 -46.14 10.15 -43.77
C CYS A 207 -47.46 9.38 -43.71
N ASP A 208 -48.09 9.33 -42.54
CA ASP A 208 -49.29 8.52 -42.38
C ASP A 208 -50.36 8.91 -43.39
N GLY A 209 -50.90 7.91 -44.09
CA GLY A 209 -52.01 8.13 -45.01
C GLY A 209 -51.59 8.41 -46.45
N LYS A 210 -52.56 8.82 -47.26
CA LYS A 210 -52.32 9.07 -48.68
C LYS A 210 -52.42 10.55 -49.03
N ILE A 211 -51.65 10.98 -50.02
CA ILE A 211 -51.73 12.35 -50.51
C ILE A 211 -52.96 12.50 -51.40
N ASN A 212 -53.27 11.44 -52.15
CA ASN A 212 -54.50 11.40 -52.93
C ASN A 212 -55.21 10.07 -52.71
N TYR A 213 -56.19 9.77 -53.55
CA TYR A 213 -57.03 8.59 -53.36
CA TYR A 213 -57.02 8.58 -53.39
C TYR A 213 -56.23 7.28 -53.37
N THR A 214 -55.23 7.18 -54.24
CA THR A 214 -54.52 5.91 -54.40
C THR A 214 -53.02 5.94 -54.06
N ASP A 215 -52.43 7.13 -53.95
CA ASP A 215 -50.99 7.25 -53.75
C ASP A 215 -50.63 7.68 -52.33
N LYS A 216 -49.73 6.93 -51.70
CA LYS A 216 -49.23 7.27 -50.38
C LYS A 216 -48.48 8.60 -50.43
N LYS A 217 -48.36 9.27 -49.28
CA LYS A 217 -47.64 10.53 -49.21
C LYS A 217 -46.19 10.38 -49.66
N VAL A 218 -45.57 9.25 -49.31
CA VAL A 218 -44.16 9.03 -49.61
C VAL A 218 -43.88 9.10 -51.10
N CYS A 219 -44.94 8.97 -51.91
CA CYS A 219 -44.80 9.00 -53.36
C CYS A 219 -44.50 10.40 -53.90
N LYS A 220 -45.18 11.41 -53.36
CA LYS A 220 -45.05 12.77 -53.91
C LYS A 220 -44.84 13.88 -52.87
N VAL A 221 -44.87 13.53 -51.58
CA VAL A 221 -44.75 14.53 -50.51
C VAL A 221 -43.32 14.57 -49.98
N PRO A 222 -42.55 15.61 -50.34
CA PRO A 222 -41.13 15.68 -49.97
C PRO A 222 -40.86 15.64 -48.46
N PRO A 223 -41.56 16.47 -47.67
CA PRO A 223 -41.33 16.45 -46.23
C PRO A 223 -41.40 15.03 -45.65
N CYS A 224 -42.29 14.21 -46.20
CA CYS A 224 -42.41 12.83 -45.78
C CYS A 224 -41.23 12.01 -46.28
N GLN A 225 -40.86 12.22 -47.53
CA GLN A 225 -39.72 11.52 -48.12
C GLN A 225 -38.45 11.78 -47.33
N ASN A 226 -38.26 13.01 -46.88
CA ASN A 226 -37.12 13.37 -46.05
C ASN A 226 -37.22 12.70 -44.68
N ALA A 227 -38.44 12.55 -44.18
CA ALA A 227 -38.65 11.87 -42.91
C ALA A 227 -38.21 10.42 -43.02
N CYS A 228 -38.63 9.76 -44.09
CA CYS A 228 -38.27 8.36 -44.32
C CYS A 228 -36.77 8.20 -44.49
N LYS A 229 -36.13 9.17 -45.14
CA LYS A 229 -34.68 9.18 -45.26
C LYS A 229 -34.03 9.15 -43.88
N SER A 230 -34.52 10.01 -42.99
CA SER A 230 -33.98 10.09 -41.64
C SER A 230 -34.18 8.77 -40.90
N TYR A 231 -35.35 8.18 -41.07
CA TYR A 231 -35.64 6.89 -40.45
C TYR A 231 -34.67 5.84 -40.99
N ASP A 232 -34.48 5.82 -42.30
CA ASP A 232 -33.54 4.89 -42.92
C ASP A 232 -32.19 4.95 -42.24
N GLN A 233 -31.71 6.17 -41.97
CA GLN A 233 -30.41 6.36 -41.36
C GLN A 233 -30.39 5.76 -39.95
N TRP A 234 -31.41 6.05 -39.17
CA TRP A 234 -31.48 5.53 -37.80
C TRP A 234 -31.49 4.02 -37.80
N ILE A 235 -32.45 3.44 -38.52
CA ILE A 235 -32.61 1.98 -38.55
C ILE A 235 -31.37 1.31 -39.14
N THR A 236 -30.66 2.02 -40.02
CA THR A 236 -29.45 1.47 -40.62
C THR A 236 -28.31 1.39 -39.62
N ARG A 237 -28.21 2.38 -38.74
CA ARG A 237 -27.21 2.33 -37.67
C ARG A 237 -27.54 1.18 -36.73
N LYS A 238 -28.82 1.10 -36.33
CA LYS A 238 -29.26 0.02 -35.45
C LYS A 238 -28.91 -1.33 -36.08
N LYS A 239 -29.21 -1.47 -37.37
CA LYS A 239 -28.91 -2.68 -38.13
C LYS A 239 -27.43 -3.06 -37.99
N ASN A 240 -26.56 -2.12 -38.29
CA ASN A 240 -25.12 -2.36 -38.23
C ASN A 240 -24.68 -2.73 -36.82
N GLN A 241 -25.19 -1.99 -35.83
CA GLN A 241 -24.83 -2.22 -34.44
C GLN A 241 -25.19 -3.63 -33.98
N TRP A 242 -26.39 -4.09 -34.32
CA TRP A 242 -26.82 -5.41 -33.93
C TRP A 242 -25.98 -6.48 -34.60
N ASP A 243 -25.67 -6.28 -35.87
CA ASP A 243 -24.88 -7.24 -36.63
C ASP A 243 -23.50 -7.40 -35.99
N VAL A 244 -22.87 -6.28 -35.64
CA VAL A 244 -21.56 -6.31 -35.02
C VAL A 244 -21.61 -6.99 -33.66
N LEU A 245 -22.60 -6.63 -32.85
CA LEU A 245 -22.73 -7.18 -31.51
C LEU A 245 -23.09 -8.67 -31.52
N SER A 246 -24.04 -9.05 -32.37
CA SER A 246 -24.51 -10.43 -32.38
C SER A 246 -23.41 -11.38 -32.88
N ASN A 247 -22.62 -10.93 -33.84
CA ASN A 247 -21.53 -11.76 -34.34
C ASN A 247 -20.40 -11.82 -33.32
N LYS A 248 -20.19 -10.73 -32.59
CA LYS A 248 -19.19 -10.72 -31.54
C LYS A 248 -19.59 -11.71 -30.47
N PHE A 249 -20.90 -11.85 -30.25
CA PHE A 249 -21.40 -12.81 -29.28
C PHE A 249 -20.99 -14.22 -29.68
N ILE A 250 -21.31 -14.60 -30.91
CA ILE A 250 -20.98 -15.93 -31.41
C ILE A 250 -19.48 -16.16 -31.38
N SER A 251 -18.73 -15.11 -31.72
CA SER A 251 -17.27 -15.18 -31.77
C SER A 251 -16.69 -15.50 -30.40
N VAL A 252 -17.18 -14.78 -29.38
CA VAL A 252 -16.68 -14.95 -28.01
C VAL A 252 -17.18 -16.25 -27.40
N LYS A 253 -18.39 -16.66 -27.77
CA LYS A 253 -18.96 -17.88 -27.25
C LYS A 253 -18.22 -19.11 -27.77
N ASN A 254 -17.80 -19.07 -29.03
CA ASN A 254 -17.05 -20.17 -29.63
C ASN A 254 -15.69 -20.37 -28.99
N ALA A 255 -15.19 -19.34 -28.31
CA ALA A 255 -13.87 -19.38 -27.70
C ALA A 255 -13.93 -19.51 -26.18
N GLU A 256 -14.79 -20.40 -25.69
CA GLU A 256 -14.86 -20.69 -24.27
C GLU A 256 -15.45 -22.07 -24.01
N LYS A 257 -15.48 -22.47 -22.74
CA LYS A 257 -16.02 -23.77 -22.35
C LYS A 257 -17.23 -23.60 -21.45
N GLN A 259 -20.34 -23.39 -20.53
CA GLN A 259 -20.64 -22.01 -20.92
C GLN A 259 -21.88 -21.50 -20.22
N THR A 260 -22.30 -20.30 -20.59
CA THR A 260 -23.48 -19.68 -20.00
C THR A 260 -24.75 -20.46 -20.33
N ALA A 261 -25.42 -20.97 -19.30
CA ALA A 261 -26.67 -21.70 -19.48
C ALA A 261 -27.83 -20.74 -19.64
N GLY A 262 -28.85 -21.17 -20.38
CA GLY A 262 -30.01 -20.34 -20.63
C GLY A 262 -29.84 -19.50 -21.88
N ILE A 263 -28.60 -19.34 -22.33
CA ILE A 263 -28.30 -18.53 -23.49
C ILE A 263 -27.58 -19.35 -24.55
N VAL A 264 -28.20 -19.51 -25.72
CA VAL A 264 -27.57 -20.21 -26.82
C VAL A 264 -27.32 -19.26 -27.98
N THR A 265 -28.35 -18.49 -28.34
CA THR A 265 -28.23 -17.51 -29.40
C THR A 265 -28.31 -16.10 -28.82
N PRO A 266 -27.72 -15.12 -29.50
CA PRO A 266 -27.75 -13.73 -29.03
C PRO A 266 -29.19 -13.20 -28.81
N TYR A 267 -30.18 -13.81 -29.47
CA TYR A 267 -31.57 -13.40 -29.29
C TYR A 267 -32.06 -13.75 -27.89
N ASP A 268 -31.62 -14.88 -27.37
CA ASP A 268 -32.04 -15.32 -26.05
C ASP A 268 -31.78 -14.25 -25.01
N ILE A 269 -30.79 -13.41 -25.26
CA ILE A 269 -30.47 -12.32 -24.35
C ILE A 269 -31.56 -11.25 -24.41
N LEU A 270 -31.96 -10.90 -25.63
CA LEU A 270 -33.02 -9.92 -25.81
C LEU A 270 -34.32 -10.41 -25.18
N LYS A 271 -34.57 -11.71 -25.26
CA LYS A 271 -35.75 -12.30 -24.66
C LYS A 271 -35.72 -12.16 -23.14
N GLN A 272 -34.53 -12.25 -22.56
CA GLN A 272 -34.36 -12.16 -21.11
C GLN A 272 -34.39 -10.73 -20.60
N GLU A 273 -34.28 -9.77 -21.51
CA GLU A 273 -34.18 -8.37 -21.11
C GLU A 273 -35.45 -7.57 -21.40
N LEU A 274 -36.16 -7.96 -22.47
CA LEU A 274 -37.33 -7.21 -22.92
C LEU A 274 -38.59 -8.06 -22.80
N ASP A 275 -39.73 -7.39 -22.60
CA ASP A 275 -41.01 -8.07 -22.44
CA ASP A 275 -41.00 -8.07 -22.45
C ASP A 275 -41.64 -8.35 -23.80
N GLU A 276 -42.24 -9.53 -23.94
CA GLU A 276 -42.89 -9.91 -25.19
CA GLU A 276 -42.89 -9.93 -25.18
C GLU A 276 -42.01 -9.62 -26.39
N PHE A 277 -40.74 -10.04 -26.30
CA PHE A 277 -39.81 -9.83 -27.41
C PHE A 277 -40.12 -10.81 -28.53
N ASN A 278 -40.29 -10.27 -29.74
CA ASN A 278 -40.54 -11.10 -30.91
C ASN A 278 -39.34 -11.01 -31.86
N GLU A 279 -38.54 -12.06 -31.90
CA GLU A 279 -37.33 -12.07 -32.71
CA GLU A 279 -37.34 -12.10 -32.72
C GLU A 279 -37.67 -11.90 -34.20
N VAL A 280 -38.83 -12.39 -34.62
CA VAL A 280 -39.23 -12.26 -36.02
C VAL A 280 -39.56 -10.82 -36.35
N ALA A 281 -40.25 -10.15 -35.41
CA ALA A 281 -40.62 -8.75 -35.60
C ALA A 281 -39.38 -7.86 -35.51
N PHE A 282 -38.49 -8.21 -34.59
CA PHE A 282 -37.25 -7.46 -34.43
C PHE A 282 -36.47 -7.46 -35.74
N GLU A 283 -36.29 -8.64 -36.32
CA GLU A 283 -35.54 -8.76 -37.55
C GLU A 283 -36.22 -8.01 -38.70
N ASN A 284 -37.54 -8.01 -38.71
CA ASN A 284 -38.29 -7.29 -39.73
C ASN A 284 -38.04 -5.80 -39.66
N GLU A 285 -38.02 -5.28 -38.44
CA GLU A 285 -37.81 -3.85 -38.22
C GLU A 285 -36.44 -3.41 -38.68
N ILE A 286 -35.39 -4.03 -38.13
CA ILE A 286 -34.03 -3.64 -38.47
C ILE A 286 -33.71 -3.90 -39.95
N ASN A 287 -34.55 -4.71 -40.61
CA ASN A 287 -34.38 -4.96 -42.04
C ASN A 287 -35.47 -4.29 -42.88
N LYS A 288 -36.16 -3.33 -42.28
CA LYS A 288 -37.10 -2.48 -43.02
C LYS A 288 -38.14 -3.24 -43.83
N ARG A 289 -38.69 -4.31 -43.25
CA ARG A 289 -39.75 -5.06 -43.92
C ARG A 289 -40.93 -5.32 -42.99
N ASP A 290 -41.06 -4.52 -41.95
CA ASP A 290 -42.17 -4.64 -41.01
C ASP A 290 -43.38 -3.88 -41.55
N GLY A 291 -44.56 -4.24 -41.05
CA GLY A 291 -45.81 -3.65 -41.49
C GLY A 291 -45.80 -2.14 -41.48
N ALA A 292 -45.29 -1.56 -40.40
CA ALA A 292 -45.29 -0.11 -40.24
C ALA A 292 -44.47 0.58 -41.33
N TYR A 293 -43.23 0.15 -41.50
CA TYR A 293 -42.33 0.80 -42.46
C TYR A 293 -42.84 0.62 -43.89
N ILE A 294 -43.34 -0.57 -44.20
CA ILE A 294 -43.87 -0.83 -45.53
C ILE A 294 -45.02 0.11 -45.85
N GLU A 295 -45.92 0.28 -44.88
CA GLU A 295 -47.11 1.11 -45.08
CA GLU A 295 -47.10 1.10 -45.08
C GLU A 295 -46.77 2.60 -45.16
N LEU A 296 -45.74 3.01 -44.43
CA LEU A 296 -45.40 4.44 -44.35
C LEU A 296 -44.35 4.90 -45.36
N CYS A 297 -43.40 4.04 -45.70
CA CYS A 297 -42.25 4.47 -46.48
C CYS A 297 -42.06 3.75 -47.82
N VAL A 298 -42.83 2.70 -48.07
CA VAL A 298 -42.75 1.98 -49.34
C VAL A 298 -43.91 2.37 -50.23
N CYS A 299 -43.60 3.07 -51.33
CA CYS A 299 -44.63 3.60 -52.21
C CYS A 299 -45.57 2.51 -52.72
N SER A 300 -45.00 1.53 -53.43
CA SER A 300 -45.80 0.44 -53.96
C SER A 300 -45.76 -0.77 -53.04
N MET B 6 24.74 12.52 6.42
CA MET B 6 25.40 11.96 5.25
C MET B 6 26.68 11.24 5.67
N LYS B 7 27.51 11.93 6.46
CA LYS B 7 28.76 11.36 6.94
C LYS B 7 28.49 10.09 7.74
N ASN B 8 27.37 10.08 8.47
CA ASN B 8 26.96 8.92 9.22
C ASN B 8 26.80 7.71 8.31
N CYS B 9 26.48 7.97 7.05
CA CYS B 9 26.30 6.89 6.09
C CYS B 9 27.56 6.63 5.26
N ASN B 10 28.68 7.24 5.64
CA ASN B 10 29.92 7.02 4.93
C ASN B 10 30.87 6.12 5.73
N TYR B 11 31.38 6.64 6.84
CA TYR B 11 32.36 5.91 7.65
C TYR B 11 31.97 5.88 9.13
N LYS B 12 31.77 4.67 9.65
CA LYS B 12 31.54 4.49 11.08
C LYS B 12 32.85 4.64 11.84
N ARG B 13 32.82 5.43 12.91
CA ARG B 13 34.01 5.61 13.74
C ARG B 13 34.38 4.29 14.40
N LYS B 14 35.66 4.15 14.73
CA LYS B 14 36.14 2.93 15.37
C LYS B 14 35.41 2.69 16.67
N ARG B 15 35.16 1.42 16.99
CA ARG B 15 34.42 1.07 18.19
C ARG B 15 35.13 1.62 19.41
N ARG B 16 34.35 2.28 20.28
CA ARG B 16 34.89 2.86 21.51
C ARG B 16 35.89 3.99 21.27
N GLU B 17 35.89 4.54 20.07
CA GLU B 17 36.71 5.72 19.78
C GLU B 17 36.17 6.91 20.56
N ARG B 18 34.85 7.09 20.49
CA ARG B 18 34.17 8.07 21.32
C ARG B 18 33.38 7.34 22.39
N ASP B 19 33.46 7.84 23.62
CA ASP B 19 32.80 7.19 24.74
C ASP B 19 31.37 7.69 24.86
N TRP B 20 30.59 7.05 25.72
CA TRP B 20 29.19 7.42 25.90
C TRP B 20 29.09 8.87 26.35
N ASP B 21 28.10 9.58 25.81
CA ASP B 21 27.90 10.99 26.11
C ASP B 21 26.79 11.18 27.12
N CYS B 22 27.14 11.69 28.30
CA CYS B 22 26.16 11.93 29.37
C CYS B 22 26.03 13.41 29.67
N ASN B 23 26.40 14.25 28.71
CA ASN B 23 26.39 15.70 28.91
C ASN B 23 25.28 16.43 28.14
N THR B 24 24.89 15.88 27.00
CA THR B 24 23.85 16.50 26.18
C THR B 24 22.50 16.46 26.90
N LYS B 25 21.92 15.28 27.00
CA LYS B 25 20.74 15.09 27.84
C LYS B 25 21.17 14.49 29.17
N LYS B 26 21.11 15.31 30.22
CA LYS B 26 21.67 14.95 31.52
C LYS B 26 21.03 13.70 32.15
N ASP B 27 19.82 13.37 31.73
CA ASP B 27 19.09 12.24 32.30
CA ASP B 27 19.11 12.24 32.31
C ASP B 27 19.34 10.94 31.52
N VAL B 28 20.10 11.02 30.45
CA VAL B 28 20.38 9.84 29.65
C VAL B 28 21.80 9.82 29.10
N CYS B 29 22.31 8.61 28.83
CA CYS B 29 23.65 8.44 28.29
C CYS B 29 23.57 7.83 26.90
N ILE B 30 24.07 8.54 25.91
CA ILE B 30 23.93 8.14 24.51
C ILE B 30 25.19 7.48 23.97
N PRO B 31 25.04 6.33 23.30
CA PRO B 31 26.16 5.64 22.65
C PRO B 31 26.52 6.27 21.32
N ASP B 32 27.80 6.21 20.95
CA ASP B 32 28.28 6.79 19.69
C ASP B 32 27.60 6.14 18.49
N ARG B 33 27.28 4.86 18.62
CA ARG B 33 26.59 4.13 17.56
C ARG B 33 25.27 4.79 17.22
N ARG B 34 24.54 5.24 18.24
CA ARG B 34 23.25 5.89 18.02
C ARG B 34 23.42 7.22 17.30
N TYR B 35 24.42 7.99 17.69
CA TYR B 35 24.72 9.26 17.03
C TYR B 35 24.99 9.07 15.55
N GLN B 36 25.58 7.93 15.20
CA GLN B 36 25.97 7.66 13.82
C GLN B 36 24.92 6.86 13.05
N LEU B 37 23.80 6.56 13.71
CA LEU B 37 22.73 5.79 13.06
C LEU B 37 22.35 6.42 11.74
N CYS B 38 22.43 5.65 10.67
CA CYS B 38 22.12 6.16 9.33
C CYS B 38 20.63 6.42 9.16
N MET B 39 20.28 7.69 8.95
CA MET B 39 18.89 8.07 8.71
C MET B 39 18.84 9.16 7.64
N LYS B 40 19.69 9.00 6.64
CA LYS B 40 19.77 9.95 5.52
C LYS B 40 18.42 10.08 4.82
N GLU B 41 17.87 8.95 4.38
CA GLU B 41 16.61 8.95 3.63
C GLU B 41 15.44 9.41 4.50
N LEU B 42 15.39 8.94 5.74
CA LEU B 42 14.32 9.30 6.66
C LEU B 42 14.30 10.81 6.90
N THR B 43 15.47 11.43 6.79
CA THR B 43 15.60 12.86 7.02
C THR B 43 15.13 13.68 5.83
N ASN B 44 15.62 13.34 4.64
CA ASN B 44 15.34 14.12 3.44
C ASN B 44 13.95 13.90 2.84
N LEU B 45 13.12 13.12 3.52
CA LEU B 45 11.75 12.95 3.06
C LEU B 45 10.85 14.00 3.72
N VAL B 46 10.06 14.68 2.92
CA VAL B 46 9.18 15.76 3.40
C VAL B 46 10.00 16.83 4.13
N HIS B 54 0.50 11.83 -0.57
CA HIS B 54 -0.73 12.61 -0.68
C HIS B 54 -1.72 12.20 0.41
N ARG B 55 -3.01 12.20 0.07
CA ARG B 55 -4.05 11.87 1.04
C ARG B 55 -3.86 10.46 1.62
N ASP B 56 -3.80 9.48 0.74
CA ASP B 56 -3.77 8.08 1.13
C ASP B 56 -2.74 7.80 2.21
N ILE B 57 -3.20 7.19 3.29
CA ILE B 57 -2.34 6.84 4.42
C ILE B 57 -1.48 5.64 4.08
N THR B 58 -2.12 4.58 3.59
CA THR B 58 -1.42 3.35 3.26
C THR B 58 -0.30 3.58 2.25
N PHE B 59 -0.44 4.62 1.44
CA PHE B 59 0.55 4.96 0.43
C PHE B 59 1.82 5.50 1.07
N ARG B 60 1.68 6.50 1.94
CA ARG B 60 2.81 7.10 2.62
C ARG B 60 3.51 6.06 3.50
N LYS B 61 2.72 5.18 4.10
CA LYS B 61 3.26 4.11 4.91
C LYS B 61 4.22 3.26 4.09
N LEU B 62 3.89 3.06 2.82
CA LEU B 62 4.72 2.26 1.92
C LEU B 62 5.92 3.06 1.45
N TYR B 63 5.71 4.34 1.17
CA TYR B 63 6.81 5.20 0.77
C TYR B 63 7.81 5.32 1.93
N LEU B 64 7.30 5.13 3.14
CA LEU B 64 8.14 5.16 4.34
C LEU B 64 8.99 3.89 4.43
N LYS B 65 8.35 2.74 4.29
CA LYS B 65 9.05 1.47 4.37
C LYS B 65 10.16 1.40 3.32
N ARG B 66 9.91 2.00 2.15
CA ARG B 66 10.89 2.00 1.08
C ARG B 66 12.17 2.70 1.49
N LYS B 67 12.04 3.86 2.12
CA LYS B 67 13.20 4.63 2.54
C LYS B 67 13.88 4.01 3.77
N LEU B 68 13.07 3.37 4.62
CA LEU B 68 13.61 2.75 5.82
C LEU B 68 14.42 1.51 5.46
N ILE B 69 13.91 0.74 4.50
CA ILE B 69 14.57 -0.47 4.05
C ILE B 69 15.96 -0.16 3.48
N TYR B 70 16.05 0.95 2.75
CA TYR B 70 17.33 1.33 2.15
C TYR B 70 18.32 1.80 3.21
N ASP B 71 17.83 2.62 4.15
CA ASP B 71 18.68 3.08 5.25
C ASP B 71 19.15 1.91 6.11
N ALA B 72 18.32 0.88 6.21
CA ALA B 72 18.65 -0.30 6.99
C ALA B 72 19.78 -1.08 6.32
N ALA B 73 19.73 -1.19 5.01
CA ALA B 73 20.75 -1.92 4.26
C ALA B 73 22.09 -1.21 4.32
N VAL B 74 22.07 0.12 4.33
CA VAL B 74 23.29 0.91 4.43
C VAL B 74 23.86 0.76 5.83
N GLU B 75 23.00 0.92 6.84
CA GLU B 75 23.41 0.79 8.22
C GLU B 75 24.07 -0.57 8.45
N GLY B 76 23.39 -1.62 7.98
CA GLY B 76 23.89 -2.98 8.12
C GLY B 76 25.21 -3.18 7.41
N ASP B 77 25.31 -2.64 6.20
CA ASP B 77 26.54 -2.75 5.42
C ASP B 77 27.70 -2.11 6.16
N LEU B 78 27.46 -0.95 6.77
CA LEU B 78 28.51 -0.22 7.48
C LEU B 78 28.92 -0.92 8.77
N LEU B 79 27.97 -1.52 9.47
CA LEU B 79 28.28 -2.27 10.68
C LEU B 79 29.13 -3.49 10.34
N LEU B 80 28.82 -4.12 9.21
CA LEU B 80 29.60 -5.25 8.74
C LEU B 80 31.05 -4.82 8.50
N LYS B 81 31.21 -3.66 7.87
CA LYS B 81 32.54 -3.13 7.58
C LYS B 81 33.27 -2.73 8.86
N LEU B 82 32.53 -2.15 9.80
CA LEU B 82 33.08 -1.78 11.10
C LEU B 82 33.60 -3.02 11.81
N ASN B 83 32.96 -4.15 11.56
CA ASN B 83 33.36 -5.41 12.18
C ASN B 83 34.40 -6.15 11.33
N ASN B 84 35.00 -5.43 10.39
CA ASN B 84 36.00 -6.01 9.51
C ASN B 84 35.46 -7.22 8.73
N TYR B 85 34.19 -7.13 8.35
CA TYR B 85 33.57 -8.14 7.48
C TYR B 85 33.56 -9.54 8.10
N ARG B 86 33.42 -9.62 9.41
CA ARG B 86 33.39 -10.91 10.10
C ARG B 86 32.01 -11.18 10.71
N TYR B 87 31.50 -12.39 10.47
CA TYR B 87 30.23 -12.80 11.03
C TYR B 87 30.46 -13.38 12.42
N ASN B 88 30.09 -12.63 13.45
CA ASN B 88 30.30 -13.08 14.83
C ASN B 88 29.37 -12.40 15.82
N LYS B 89 29.38 -12.88 17.05
CA LYS B 89 28.56 -12.35 18.12
C LYS B 89 28.47 -10.83 18.07
N ASP B 90 29.59 -10.18 17.79
CA ASP B 90 29.68 -8.72 17.81
C ASP B 90 28.87 -8.08 16.68
N PHE B 91 28.90 -8.72 15.51
CA PHE B 91 28.15 -8.23 14.36
C PHE B 91 26.66 -8.35 14.58
N CYS B 92 26.22 -9.53 15.03
CA CYS B 92 24.81 -9.80 15.24
C CYS B 92 24.18 -8.87 16.27
N LYS B 93 24.98 -8.43 17.23
CA LYS B 93 24.47 -7.58 18.30
C LYS B 93 24.36 -6.12 17.87
N ASP B 94 25.36 -5.63 17.15
CA ASP B 94 25.26 -4.29 16.59
C ASP B 94 24.02 -4.19 15.70
N ILE B 95 23.70 -5.29 15.02
CA ILE B 95 22.50 -5.33 14.18
C ILE B 95 21.25 -5.21 15.05
N ARG B 96 21.27 -5.89 16.20
CA ARG B 96 20.17 -5.79 17.15
C ARG B 96 20.04 -4.37 17.68
N TRP B 97 21.14 -3.84 18.22
CA TRP B 97 21.15 -2.52 18.82
C TRP B 97 20.62 -1.48 17.85
N SER B 98 21.04 -1.57 16.59
CA SER B 98 20.66 -0.58 15.58
C SER B 98 19.25 -0.80 15.04
N LEU B 99 18.83 -2.07 14.96
CA LEU B 99 17.47 -2.38 14.53
C LEU B 99 16.49 -1.82 15.54
N GLY B 100 16.82 -1.99 16.82
CA GLY B 100 15.98 -1.52 17.89
C GLY B 100 15.85 -0.01 17.89
N ASP B 101 16.95 0.68 17.65
CA ASP B 101 16.93 2.14 17.64
C ASP B 101 16.02 2.65 16.52
N PHE B 102 16.04 1.98 15.37
CA PHE B 102 15.11 2.29 14.30
C PHE B 102 13.68 2.10 14.80
N GLY B 103 13.45 0.98 15.46
CA GLY B 103 12.13 0.67 16.00
C GLY B 103 11.60 1.76 16.91
N ASP B 104 12.43 2.23 17.83
CA ASP B 104 12.03 3.28 18.77
C ASP B 104 11.77 4.59 18.05
N ILE B 105 12.67 4.95 17.13
CA ILE B 105 12.51 6.15 16.33
C ILE B 105 11.17 6.11 15.59
N ILE B 106 10.82 4.94 15.08
CA ILE B 106 9.56 4.76 14.39
C ILE B 106 8.39 4.85 15.36
N MET B 107 8.57 4.29 16.55
CA MET B 107 7.51 4.23 17.54
C MET B 107 7.46 5.46 18.44
N GLY B 108 8.33 6.44 18.17
CA GLY B 108 8.38 7.66 18.96
C GLY B 108 8.67 7.41 20.43
N THR B 109 9.64 6.56 20.70
CA THR B 109 10.05 6.26 22.07
C THR B 109 11.57 6.34 22.21
N ASP B 110 12.20 7.09 21.31
CA ASP B 110 13.65 7.24 21.31
C ASP B 110 14.06 8.32 22.31
N MET B 111 15.22 8.14 22.93
CA MET B 111 15.67 9.01 24.01
C MET B 111 16.69 10.06 23.55
N GLU B 112 17.12 9.99 22.29
CA GLU B 112 18.12 10.91 21.79
C GLU B 112 17.50 12.25 21.40
N GLY B 113 16.72 12.25 20.32
CA GLY B 113 16.04 13.45 19.87
C GLY B 113 16.96 14.65 19.70
N ILE B 114 18.01 14.48 18.92
CA ILE B 114 18.97 15.55 18.67
C ILE B 114 19.07 15.88 17.19
N GLY B 115 19.19 17.18 16.89
CA GLY B 115 19.41 17.64 15.54
C GLY B 115 18.45 17.05 14.52
N TYR B 116 18.98 16.26 13.60
CA TYR B 116 18.19 15.71 12.50
C TYR B 116 17.15 14.70 12.98
N SER B 117 17.32 14.19 14.20
CA SER B 117 16.35 13.28 14.77
C SER B 117 15.00 13.99 14.96
N LYS B 118 15.05 15.25 15.40
CA LYS B 118 13.85 16.05 15.57
C LYS B 118 13.11 16.18 14.24
N VAL B 119 13.86 16.31 13.16
CA VAL B 119 13.27 16.39 11.84
C VAL B 119 12.58 15.08 11.49
N VAL B 120 13.30 13.97 11.65
CA VAL B 120 12.76 12.65 11.36
C VAL B 120 11.42 12.47 12.05
N GLU B 121 11.31 12.97 13.29
CA GLU B 121 10.08 12.85 14.06
C GLU B 121 8.97 13.71 13.46
N ASN B 122 9.31 14.92 13.01
CA ASN B 122 8.33 15.78 12.36
C ASN B 122 7.75 15.10 11.13
N ASN B 123 8.62 14.48 10.35
CA ASN B 123 8.21 13.77 9.14
C ASN B 123 7.31 12.59 9.48
N LEU B 124 7.56 11.97 10.63
CA LEU B 124 6.75 10.85 11.10
C LEU B 124 5.38 11.33 11.59
N ARG B 125 5.35 12.49 12.22
CA ARG B 125 4.08 13.08 12.64
C ARG B 125 3.28 13.49 11.40
N SER B 126 3.99 13.83 10.34
CA SER B 126 3.37 14.24 9.08
C SER B 126 2.79 13.04 8.32
N ILE B 127 3.15 11.84 8.75
CA ILE B 127 2.71 10.63 8.07
C ILE B 127 1.65 9.87 8.87
N PHE B 128 1.85 9.78 10.18
CA PHE B 128 0.95 9.03 11.04
C PHE B 128 -0.05 9.93 11.76
N GLY B 129 0.18 11.24 11.70
CA GLY B 129 -0.69 12.19 12.37
C GLY B 129 -0.28 12.40 13.81
N THR B 130 -1.09 13.16 14.55
CA THR B 130 -0.77 13.46 15.95
C THR B 130 -1.93 13.11 16.89
N ASP B 131 -2.95 12.45 16.37
CA ASP B 131 -4.12 12.09 17.18
C ASP B 131 -3.72 11.16 18.32
N GLU B 132 -4.70 10.82 19.15
CA GLU B 132 -4.46 10.01 20.34
C GLU B 132 -3.83 8.66 20.01
N LYS B 133 -4.55 7.86 19.21
CA LYS B 133 -4.12 6.50 18.91
C LYS B 133 -3.09 6.44 17.77
N ALA B 134 -2.59 7.60 17.36
CA ALA B 134 -1.57 7.66 16.33
C ALA B 134 -0.33 6.88 16.77
N GLN B 135 -0.05 6.90 18.07
CA GLN B 135 1.09 6.18 18.61
C GLN B 135 0.89 4.68 18.47
N GLN B 136 -0.33 4.22 18.71
CA GLN B 136 -0.66 2.81 18.57
C GLN B 136 -0.42 2.33 17.13
N ARG B 137 -0.80 3.16 16.18
CA ARG B 137 -0.66 2.82 14.76
C ARG B 137 0.80 2.73 14.35
N ARG B 138 1.65 3.53 14.98
CA ARG B 138 3.08 3.51 14.70
C ARG B 138 3.71 2.25 15.28
N LYS B 139 3.12 1.73 16.35
CA LYS B 139 3.61 0.50 16.97
C LYS B 139 3.25 -0.72 16.11
N GLN B 140 2.02 -0.78 15.64
CA GLN B 140 1.57 -1.91 14.84
C GLN B 140 2.29 -1.96 13.50
N TRP B 141 2.49 -0.81 12.89
CA TRP B 141 3.22 -0.72 11.64
C TRP B 141 4.59 -1.39 11.78
N TRP B 142 5.36 -0.92 12.78
CA TRP B 142 6.69 -1.45 13.02
C TRP B 142 6.64 -2.94 13.31
N ASN B 143 5.69 -3.36 14.15
CA ASN B 143 5.56 -4.77 14.49
C ASN B 143 5.20 -5.64 13.29
N GLU B 144 4.85 -4.99 12.18
CA GLU B 144 4.48 -5.69 10.95
C GLU B 144 5.58 -5.60 9.89
N SER B 145 6.48 -4.64 10.03
CA SER B 145 7.49 -4.38 9.02
C SER B 145 8.90 -4.79 9.47
N LYS B 146 9.10 -4.91 10.78
CA LYS B 146 10.44 -5.10 11.34
C LYS B 146 11.23 -6.26 10.73
N ALA B 147 10.60 -7.43 10.60
CA ALA B 147 11.29 -8.59 10.07
C ALA B 147 11.88 -8.33 8.70
N GLN B 148 11.23 -7.47 7.92
CA GLN B 148 11.75 -7.08 6.61
C GLN B 148 12.87 -6.07 6.75
N ILE B 149 12.76 -5.21 7.75
CA ILE B 149 13.81 -4.22 8.03
C ILE B 149 15.09 -4.95 8.43
N TRP B 150 14.96 -5.92 9.33
CA TRP B 150 16.08 -6.73 9.76
C TRP B 150 16.72 -7.42 8.57
N THR B 151 15.88 -7.98 7.70
CA THR B 151 16.35 -8.66 6.51
C THR B 151 17.10 -7.68 5.61
N ALA B 152 16.62 -6.45 5.55
CA ALA B 152 17.25 -5.42 4.75
C ALA B 152 18.64 -5.08 5.30
N MET B 153 18.78 -5.10 6.62
CA MET B 153 20.07 -4.86 7.25
C MET B 153 21.04 -5.99 6.92
N MET B 154 20.49 -7.20 6.74
CA MET B 154 21.29 -8.37 6.43
C MET B 154 21.57 -8.50 4.94
N TYR B 155 21.40 -7.40 4.19
CA TYR B 155 21.56 -7.44 2.74
C TYR B 155 22.97 -7.87 2.31
N SER B 156 23.98 -7.19 2.82
CA SER B 156 25.36 -7.49 2.45
C SER B 156 25.72 -8.95 2.74
N VAL B 157 25.12 -9.49 3.80
CA VAL B 157 25.34 -10.89 4.15
C VAL B 157 24.56 -11.79 3.20
N LYS B 158 23.26 -11.56 3.12
CA LYS B 158 22.37 -12.32 2.24
C LYS B 158 22.87 -12.30 0.80
N LYS B 159 23.62 -11.25 0.46
CA LYS B 159 24.18 -11.07 -0.87
C LYS B 159 25.23 -12.13 -1.19
N ARG B 160 25.72 -12.81 -0.17
CA ARG B 160 26.88 -13.68 -0.32
C ARG B 160 26.62 -15.12 0.14
N LEU B 161 25.86 -15.29 1.21
CA LEU B 161 25.52 -16.62 1.69
C LEU B 161 24.20 -17.12 1.11
N LYS B 162 23.47 -16.22 0.46
CA LYS B 162 22.30 -16.58 -0.34
C LYS B 162 21.40 -17.61 0.35
N GLY B 163 20.69 -17.18 1.40
CA GLY B 163 19.70 -18.03 2.03
C GLY B 163 20.13 -18.60 3.36
N ASN B 164 21.40 -18.96 3.48
CA ASN B 164 21.94 -19.46 4.74
C ASN B 164 22.13 -18.34 5.76
N PHE B 165 21.91 -17.11 5.32
CA PHE B 165 22.12 -15.93 6.17
C PHE B 165 21.36 -16.02 7.49
N ILE B 166 20.26 -16.75 7.50
CA ILE B 166 19.41 -16.85 8.69
C ILE B 166 20.02 -17.73 9.78
N TRP B 167 21.11 -18.41 9.45
CA TRP B 167 21.78 -19.27 10.41
C TRP B 167 22.96 -18.54 11.06
N ILE B 168 23.18 -17.30 10.64
CA ILE B 168 24.23 -16.48 11.22
C ILE B 168 23.69 -15.76 12.45
N CYS B 169 22.64 -14.96 12.25
CA CYS B 169 22.01 -14.24 13.35
C CYS B 169 20.58 -14.72 13.55
N LYS B 170 20.15 -14.78 14.81
CA LYS B 170 18.81 -15.26 15.15
C LYS B 170 17.77 -14.17 14.91
N LEU B 171 16.76 -14.49 14.12
CA LEU B 171 15.71 -13.52 13.80
C LEU B 171 14.82 -13.25 15.01
N ASN B 172 14.33 -14.32 15.64
CA ASN B 172 13.38 -14.19 16.73
C ASN B 172 13.91 -13.37 17.90
N VAL B 173 15.24 -13.24 17.99
CA VAL B 173 15.86 -12.44 19.04
C VAL B 173 15.92 -10.97 18.65
N ALA B 174 16.27 -10.71 17.39
CA ALA B 174 16.41 -9.34 16.91
C ALA B 174 15.08 -8.60 16.89
N VAL B 175 14.03 -9.27 16.44
CA VAL B 175 12.73 -8.63 16.28
C VAL B 175 12.00 -8.44 17.62
N ASN B 176 12.45 -9.14 18.65
CA ASN B 176 11.82 -9.02 19.97
C ASN B 176 11.86 -7.58 20.47
N ILE B 177 10.71 -7.08 20.91
CA ILE B 177 10.60 -5.71 21.36
C ILE B 177 11.13 -5.57 22.78
N GLU B 178 11.92 -4.53 23.00
CA GLU B 178 12.51 -4.25 24.29
C GLU B 178 12.65 -2.75 24.44
N PRO B 179 12.43 -2.21 25.65
CA PRO B 179 12.62 -0.77 25.85
C PRO B 179 14.05 -0.36 25.49
N GLN B 180 14.21 0.86 24.99
CA GLN B 180 15.51 1.32 24.51
C GLN B 180 16.58 1.21 25.59
N ILE B 181 16.26 1.67 26.80
CA ILE B 181 17.22 1.67 27.90
C ILE B 181 17.72 0.24 28.18
N TYR B 182 16.82 -0.74 28.03
CA TYR B 182 17.18 -2.14 28.22
C TYR B 182 18.34 -2.52 27.30
N ARG B 183 18.19 -2.24 26.02
CA ARG B 183 19.20 -2.60 25.02
C ARG B 183 20.50 -1.83 25.22
N TRP B 184 20.39 -0.56 25.59
CA TRP B 184 21.57 0.28 25.78
C TRP B 184 22.42 -0.21 26.94
N ILE B 185 21.78 -0.69 27.99
CA ILE B 185 22.49 -1.20 29.15
C ILE B 185 23.29 -2.46 28.77
N ARG B 186 22.71 -3.29 27.91
CA ARG B 186 23.42 -4.48 27.40
C ARG B 186 24.66 -4.06 26.64
N GLU B 187 24.47 -3.13 25.71
CA GLU B 187 25.57 -2.64 24.89
C GLU B 187 26.66 -2.04 25.77
N TRP B 188 26.26 -1.27 26.79
CA TRP B 188 27.20 -0.63 27.68
C TRP B 188 28.00 -1.65 28.49
N GLY B 189 27.29 -2.62 29.05
CA GLY B 189 27.94 -3.67 29.82
C GLY B 189 28.95 -4.41 28.97
N ARG B 190 28.61 -4.56 27.69
CA ARG B 190 29.49 -5.22 26.74
C ARG B 190 30.75 -4.39 26.49
N ASP B 191 30.58 -3.08 26.39
CA ASP B 191 31.72 -2.17 26.23
C ASP B 191 32.58 -2.13 27.48
N TYR B 192 31.94 -2.17 28.65
CA TYR B 192 32.65 -2.06 29.91
C TYR B 192 33.64 -3.21 30.10
N VAL B 193 33.19 -4.44 29.86
CA VAL B 193 34.06 -5.60 30.05
C VAL B 193 35.15 -5.69 28.98
N SER B 194 34.98 -4.95 27.90
CA SER B 194 36.01 -4.86 26.87
C SER B 194 37.11 -3.89 27.30
N GLU B 195 36.71 -2.81 27.95
CA GLU B 195 37.66 -1.77 28.35
C GLU B 195 38.41 -2.16 29.62
N LEU B 196 37.68 -2.64 30.62
CA LEU B 196 38.24 -2.92 31.95
C LEU B 196 39.60 -3.61 31.89
N PRO B 197 39.70 -4.73 31.16
CA PRO B 197 40.97 -5.47 31.13
C PRO B 197 42.14 -4.61 30.65
N THR B 198 41.92 -3.86 29.57
CA THR B 198 42.92 -2.96 29.02
C THR B 198 43.38 -1.92 30.05
N GLU B 199 42.42 -1.22 30.64
CA GLU B 199 42.71 -0.18 31.62
C GLU B 199 43.47 -0.72 32.83
N VAL B 200 43.06 -1.89 33.30
CA VAL B 200 43.72 -2.53 34.43
C VAL B 200 45.14 -2.93 34.06
N GLN B 201 45.34 -3.36 32.83
CA GLN B 201 46.66 -3.76 32.36
C GLN B 201 47.62 -2.57 32.35
N LYS B 202 47.15 -1.46 31.76
CA LYS B 202 47.92 -0.22 31.77
C LYS B 202 48.43 0.07 33.17
N LEU B 203 47.55 -0.12 34.15
CA LEU B 203 47.85 0.23 35.52
C LEU B 203 48.96 -0.65 36.12
N LYS B 204 48.82 -1.96 35.95
CA LYS B 204 49.80 -2.90 36.48
C LYS B 204 51.21 -2.63 35.96
N GLU B 205 51.33 -2.44 34.66
CA GLU B 205 52.63 -2.26 34.01
C GLU B 205 53.48 -1.19 34.69
N LYS B 206 52.85 -0.16 35.24
CA LYS B 206 53.57 0.97 35.80
C LYS B 206 53.48 1.09 37.33
N CYS B 207 52.52 0.39 37.93
CA CYS B 207 52.22 0.60 39.34
C CYS B 207 52.39 -0.65 40.21
N ASP B 208 52.70 -1.78 39.58
CA ASP B 208 52.79 -3.04 40.31
C ASP B 208 53.99 -3.04 41.26
N GLY B 209 53.73 -3.33 42.53
CA GLY B 209 54.78 -3.49 43.51
C GLY B 209 55.10 -2.25 44.31
N LYS B 210 56.16 -2.32 45.11
CA LYS B 210 56.58 -1.23 45.96
C LYS B 210 57.78 -0.49 45.36
N ILE B 211 58.01 0.73 45.84
CA ILE B 211 59.18 1.51 45.43
C ILE B 211 60.34 1.27 46.38
N ASN B 212 60.02 0.85 47.60
CA ASN B 212 61.03 0.43 48.57
C ASN B 212 60.49 -0.74 49.39
N TYR B 213 61.12 -1.01 50.53
CA TYR B 213 60.74 -2.16 51.34
C TYR B 213 59.35 -2.02 51.98
N THR B 214 58.78 -0.82 51.94
CA THR B 214 57.51 -0.60 52.62
C THR B 214 56.47 0.24 51.86
N ASP B 215 56.91 1.07 50.92
CA ASP B 215 56.01 2.01 50.25
C ASP B 215 55.64 1.57 48.84
N LYS B 216 54.36 1.70 48.51
CA LYS B 216 53.88 1.40 47.16
C LYS B 216 54.43 2.40 46.15
N LYS B 217 54.62 1.96 44.91
CA LYS B 217 55.14 2.83 43.86
C LYS B 217 54.34 4.13 43.73
N VAL B 218 53.02 4.04 43.85
CA VAL B 218 52.16 5.21 43.68
C VAL B 218 52.53 6.34 44.64
N CYS B 219 53.23 6.01 45.72
CA CYS B 219 53.63 7.01 46.71
C CYS B 219 54.66 8.01 46.17
N LYS B 220 55.52 7.56 45.25
CA LYS B 220 56.61 8.40 44.78
C LYS B 220 56.86 8.34 43.27
N VAL B 221 56.68 7.17 42.66
CA VAL B 221 56.93 7.00 41.24
C VAL B 221 55.90 7.77 40.41
N PRO B 222 56.34 8.81 39.68
CA PRO B 222 55.41 9.67 38.91
C PRO B 222 54.67 8.95 37.77
N PRO B 223 55.38 8.13 36.98
CA PRO B 223 54.70 7.38 35.92
C PRO B 223 53.48 6.63 36.43
N CYS B 224 53.58 6.04 37.61
CA CYS B 224 52.46 5.32 38.21
C CYS B 224 51.34 6.28 38.58
N GLN B 225 51.71 7.38 39.23
CA GLN B 225 50.75 8.40 39.62
C GLN B 225 49.99 8.91 38.40
N ASN B 226 50.71 9.06 37.28
CA ASN B 226 50.09 9.44 36.02
C ASN B 226 49.08 8.38 35.59
N ALA B 227 49.47 7.12 35.70
CA ALA B 227 48.59 6.02 35.32
C ALA B 227 47.35 6.00 36.21
N CYS B 228 47.54 6.17 37.51
CA CYS B 228 46.43 6.14 38.46
C CYS B 228 45.42 7.25 38.17
N LYS B 229 45.92 8.44 37.83
CA LYS B 229 45.04 9.56 37.49
C LYS B 229 44.23 9.23 36.24
N SER B 230 44.88 8.62 35.25
CA SER B 230 44.20 8.22 34.03
C SER B 230 43.09 7.24 34.32
N TYR B 231 43.41 6.23 35.13
CA TYR B 231 42.42 5.22 35.51
C TYR B 231 41.25 5.87 36.27
N ASP B 232 41.57 6.69 37.26
CA ASP B 232 40.56 7.43 38.00
C ASP B 232 39.57 8.09 37.04
N GLN B 233 40.11 8.81 36.06
CA GLN B 233 39.27 9.50 35.10
C GLN B 233 38.40 8.50 34.34
N TRP B 234 38.99 7.38 33.94
CA TRP B 234 38.25 6.37 33.20
C TRP B 234 37.12 5.77 34.03
N ILE B 235 37.46 5.30 35.23
CA ILE B 235 36.49 4.60 36.06
C ILE B 235 35.41 5.56 36.56
N THR B 236 35.74 6.84 36.61
CA THR B 236 34.80 7.86 37.04
C THR B 236 33.73 8.10 35.97
N ARG B 237 34.12 8.01 34.70
CA ARG B 237 33.15 8.13 33.62
C ARG B 237 32.23 6.92 33.62
N LYS B 238 32.79 5.73 33.85
CA LYS B 238 31.98 4.52 33.93
C LYS B 238 30.96 4.63 35.06
N LYS B 239 31.44 5.07 36.22
CA LYS B 239 30.60 5.24 37.41
C LYS B 239 29.44 6.18 37.11
N ASN B 240 29.73 7.27 36.42
CA ASN B 240 28.70 8.24 36.09
C ASN B 240 27.75 7.70 35.02
N GLN B 241 28.29 6.95 34.07
CA GLN B 241 27.47 6.38 33.00
C GLN B 241 26.47 5.38 33.56
N TRP B 242 26.96 4.46 34.40
CA TRP B 242 26.10 3.44 34.99
C TRP B 242 25.00 4.09 35.82
N ASP B 243 25.37 5.08 36.63
CA ASP B 243 24.41 5.76 37.48
CA ASP B 243 24.41 5.76 37.48
C ASP B 243 23.24 6.28 36.65
N VAL B 244 23.55 6.97 35.57
CA VAL B 244 22.53 7.55 34.71
C VAL B 244 21.67 6.49 34.04
N LEU B 245 22.33 5.48 33.47
CA LEU B 245 21.61 4.44 32.73
C LEU B 245 20.70 3.62 33.64
N SER B 246 21.20 3.23 34.81
CA SER B 246 20.45 2.37 35.71
C SER B 246 19.28 3.11 36.37
N ASN B 247 19.45 4.41 36.59
CA ASN B 247 18.37 5.22 37.14
C ASN B 247 17.32 5.50 36.09
N LYS B 248 17.75 5.58 34.83
CA LYS B 248 16.81 5.73 33.73
C LYS B 248 15.99 4.46 33.59
N PHE B 249 16.63 3.33 33.84
CA PHE B 249 15.97 2.03 33.77
C PHE B 249 14.84 1.95 34.78
N ILE B 250 15.10 2.39 36.01
CA ILE B 250 14.07 2.35 37.05
C ILE B 250 12.95 3.32 36.71
N SER B 251 13.33 4.51 36.25
CA SER B 251 12.38 5.54 35.85
C SER B 251 11.41 5.00 34.81
N VAL B 252 11.96 4.46 33.74
CA VAL B 252 11.16 3.92 32.65
C VAL B 252 10.38 2.69 33.10
N LYS B 253 10.94 1.95 34.05
CA LYS B 253 10.29 0.75 34.56
C LYS B 253 9.19 1.08 35.58
N ASN B 254 8.99 2.36 35.86
CA ASN B 254 7.93 2.78 36.77
C ASN B 254 6.84 3.56 36.06
N ALA B 255 6.91 3.61 34.73
CA ALA B 255 6.00 4.42 33.95
C ALA B 255 5.42 3.65 32.77
N GLU B 256 5.44 2.32 32.85
CA GLU B 256 4.89 1.47 31.80
C GLU B 256 4.37 0.17 32.38
N LYS B 257 3.95 -0.75 31.51
CA LYS B 257 3.50 -2.07 31.94
C LYS B 257 4.66 -2.80 32.59
N VAL B 258 5.85 -2.61 32.03
CA VAL B 258 7.11 -3.04 32.66
C VAL B 258 7.12 -4.46 33.20
N GLN B 259 6.45 -5.37 32.49
CA GLN B 259 6.50 -6.79 32.85
C GLN B 259 7.39 -7.53 31.86
N THR B 260 8.61 -7.83 32.28
CA THR B 260 9.60 -8.43 31.39
C THR B 260 10.00 -9.83 31.87
N ALA B 261 10.45 -10.66 30.93
CA ALA B 261 10.85 -12.02 31.23
C ALA B 261 12.13 -12.07 32.06
N GLY B 262 11.97 -12.11 33.38
CA GLY B 262 13.10 -12.28 34.28
C GLY B 262 13.99 -11.06 34.42
N ILE B 263 13.41 -9.86 34.29
CA ILE B 263 14.16 -8.62 34.48
C ILE B 263 13.47 -7.73 35.50
N VAL B 264 14.06 -7.63 36.69
CA VAL B 264 13.50 -6.82 37.76
C VAL B 264 14.38 -5.59 38.02
N THR B 265 15.68 -5.83 38.16
CA THR B 265 16.64 -4.76 38.39
C THR B 265 17.54 -4.60 37.16
N PRO B 266 18.18 -3.43 37.02
CA PRO B 266 19.11 -3.22 35.89
C PRO B 266 20.29 -4.18 35.92
N TYR B 267 20.61 -4.73 37.09
CA TYR B 267 21.69 -5.70 37.20
C TYR B 267 21.33 -7.01 36.53
N ASP B 268 20.04 -7.34 36.52
CA ASP B 268 19.58 -8.58 35.90
C ASP B 268 19.88 -8.56 34.41
N ILE B 269 19.90 -7.38 33.82
CA ILE B 269 20.27 -7.23 32.42
C ILE B 269 21.71 -7.67 32.21
N LEU B 270 22.61 -7.15 33.02
CA LEU B 270 24.02 -7.49 32.92
C LEU B 270 24.21 -8.99 33.16
N LYS B 271 23.41 -9.55 34.06
CA LYS B 271 23.52 -10.96 34.40
C LYS B 271 23.14 -11.86 33.22
N GLN B 272 22.35 -11.30 32.30
CA GLN B 272 21.93 -12.03 31.11
C GLN B 272 22.96 -11.90 29.99
N GLU B 273 23.55 -10.72 29.88
CA GLU B 273 24.41 -10.40 28.74
C GLU B 273 25.88 -10.76 28.97
N LEU B 274 26.28 -10.88 30.23
CA LEU B 274 27.69 -11.13 30.55
C LEU B 274 27.89 -12.46 31.27
N ASP B 275 29.10 -13.00 31.14
CA ASP B 275 29.42 -14.31 31.70
C ASP B 275 29.88 -14.21 33.15
N GLU B 276 29.35 -15.08 34.00
CA GLU B 276 29.72 -15.10 35.42
CA GLU B 276 29.71 -15.09 35.41
C GLU B 276 29.71 -13.69 36.00
N PHE B 277 28.67 -12.93 35.68
CA PHE B 277 28.56 -11.57 36.20
C PHE B 277 28.47 -11.57 37.72
N ASN B 278 29.14 -10.61 38.35
CA ASN B 278 29.18 -10.51 39.79
C ASN B 278 29.03 -9.05 40.21
N GLU B 279 27.79 -8.68 40.56
CA GLU B 279 27.47 -7.27 40.80
C GLU B 279 28.24 -6.66 41.98
N VAL B 280 28.52 -7.47 43.00
CA VAL B 280 29.29 -6.97 44.14
C VAL B 280 30.67 -6.53 43.69
N ALA B 281 31.29 -7.33 42.81
CA ALA B 281 32.60 -7.00 42.28
C ALA B 281 32.49 -5.81 41.32
N PHE B 282 31.43 -5.80 40.53
CA PHE B 282 31.19 -4.72 39.59
C PHE B 282 31.07 -3.37 40.31
N GLU B 283 30.31 -3.36 41.40
CA GLU B 283 30.15 -2.14 42.18
CA GLU B 283 30.14 -2.16 42.20
C GLU B 283 31.45 -1.78 42.88
N ASN B 284 32.23 -2.78 43.28
CA ASN B 284 33.54 -2.51 43.87
C ASN B 284 34.45 -1.79 42.89
N GLU B 285 34.40 -2.20 41.63
CA GLU B 285 35.26 -1.62 40.60
C GLU B 285 34.88 -0.17 40.32
N ILE B 286 33.62 0.08 39.98
CA ILE B 286 33.20 1.42 39.60
C ILE B 286 33.25 2.40 40.76
N ASN B 287 33.39 1.89 41.99
CA ASN B 287 33.54 2.74 43.16
C ASN B 287 34.96 2.67 43.75
N LYS B 288 35.92 2.26 42.93
CA LYS B 288 37.33 2.32 43.30
C LYS B 288 37.61 1.75 44.68
N ARG B 289 37.03 0.59 44.96
CA ARG B 289 37.34 -0.12 46.21
C ARG B 289 37.50 -1.62 45.95
N ASP B 290 37.82 -1.97 44.71
CA ASP B 290 38.15 -3.35 44.36
C ASP B 290 39.60 -3.66 44.70
N GLY B 291 39.91 -4.93 44.93
CA GLY B 291 41.23 -5.34 45.36
C GLY B 291 42.37 -4.79 44.51
N ALA B 292 42.24 -4.89 43.20
CA ALA B 292 43.26 -4.40 42.29
C ALA B 292 43.56 -2.92 42.51
N TYR B 293 42.51 -2.11 42.53
CA TYR B 293 42.68 -0.66 42.65
C TYR B 293 43.33 -0.26 43.96
N ILE B 294 42.87 -0.82 45.07
CA ILE B 294 43.42 -0.49 46.38
C ILE B 294 44.90 -0.83 46.42
N GLU B 295 45.23 -2.03 45.96
CA GLU B 295 46.61 -2.50 45.97
C GLU B 295 47.54 -1.59 45.19
N LEU B 296 47.06 -1.10 44.05
CA LEU B 296 47.91 -0.36 43.12
C LEU B 296 47.91 1.16 43.31
N CYS B 297 46.76 1.73 43.61
CA CYS B 297 46.62 3.18 43.56
C CYS B 297 46.41 3.87 44.92
N VAL B 298 46.34 3.11 46.01
CA VAL B 298 46.14 3.70 47.33
C VAL B 298 47.39 3.56 48.19
N CYS B 299 48.00 4.70 48.52
CA CYS B 299 49.27 4.72 49.23
C CYS B 299 49.16 4.07 50.61
N SER B 300 47.95 4.04 51.17
CA SER B 300 47.72 3.38 52.45
C SER B 300 46.40 2.61 52.43
N GLN C 10 -16.54 16.39 -3.66
CA GLN C 10 -17.58 16.68 -2.68
C GLN C 10 -18.02 15.43 -1.93
N LEU C 11 -17.21 14.37 -2.01
CA LEU C 11 -17.52 13.11 -1.35
C LEU C 11 -16.48 12.80 -0.28
N ASP C 12 -16.93 12.47 0.91
CA ASP C 12 -16.03 12.16 2.02
C ASP C 12 -15.33 10.82 1.78
N PHE C 13 -14.12 10.90 1.24
CA PHE C 13 -13.34 9.71 0.92
C PHE C 13 -13.33 8.70 2.06
N GLU C 14 -13.19 9.18 3.29
CA GLU C 14 -13.10 8.30 4.45
C GLU C 14 -14.44 7.67 4.80
N ASP C 15 -15.51 8.43 4.67
CA ASP C 15 -16.85 7.93 4.98
C ASP C 15 -17.26 6.87 3.97
N VAL C 16 -16.81 7.04 2.73
CA VAL C 16 -17.07 6.08 1.66
C VAL C 16 -16.33 4.78 1.94
N TRP C 17 -15.05 4.89 2.28
CA TRP C 17 -14.23 3.73 2.60
C TRP C 17 -14.80 2.98 3.80
N ASN C 18 -15.13 3.71 4.86
CA ASN C 18 -15.68 3.11 6.07
C ASN C 18 -17.05 2.49 5.82
N SER C 19 -17.86 3.14 5.00
CA SER C 19 -19.21 2.67 4.71
C SER C 19 -19.21 1.39 3.88
N SER C 20 -18.13 1.18 3.12
CA SER C 20 -18.04 0.02 2.24
C SER C 20 -17.82 -1.29 3.01
N TYR C 21 -17.69 -1.18 4.34
CA TYR C 21 -17.57 -2.35 5.20
C TYR C 21 -18.79 -2.48 6.10
N GLN D 10 27.04 3.20 -3.70
CA GLN D 10 27.62 1.96 -4.17
C GLN D 10 26.74 0.78 -3.83
N LEU D 11 25.46 1.04 -3.63
CA LEU D 11 24.48 0.00 -3.30
C LEU D 11 23.25 0.09 -4.19
N ASP D 12 23.01 -0.96 -4.95
CA ASP D 12 21.86 -1.00 -5.86
C ASP D 12 20.56 -1.02 -5.07
N PHE D 13 19.88 0.11 -5.03
CA PHE D 13 18.65 0.26 -4.27
C PHE D 13 17.63 -0.82 -4.59
N GLU D 14 17.37 -1.02 -5.88
CA GLU D 14 16.32 -1.94 -6.32
C GLU D 14 16.55 -3.37 -5.84
N ASP D 15 17.79 -3.85 -5.95
CA ASP D 15 18.09 -5.22 -5.52
C ASP D 15 17.89 -5.37 -4.02
N VAL D 16 18.23 -4.32 -3.26
CA VAL D 16 17.99 -4.31 -1.82
C VAL D 16 16.50 -4.44 -1.54
N TRP D 17 15.70 -3.65 -2.26
CA TRP D 17 14.26 -3.66 -2.11
C TRP D 17 13.69 -5.03 -2.47
N ASN D 18 14.12 -5.57 -3.60
CA ASN D 18 13.63 -6.88 -4.07
C ASN D 18 14.03 -8.00 -3.12
N SER D 19 15.23 -7.91 -2.56
CA SER D 19 15.73 -8.93 -1.64
C SER D 19 14.98 -8.90 -0.32
N SER D 20 14.48 -7.73 0.06
CA SER D 20 13.77 -7.57 1.33
C SER D 20 12.52 -8.46 1.41
N TYR D 21 12.08 -8.97 0.27
CA TYR D 21 10.94 -9.87 0.22
C TYR D 21 11.38 -11.28 -0.17
C1 GOL E . -39.01 -5.27 -30.66
O1 GOL E . -38.83 -4.49 -31.82
C2 GOL E . -39.74 -6.55 -31.02
O2 GOL E . -40.45 -7.04 -29.91
C3 GOL E . -40.69 -6.26 -32.17
O3 GOL E . -41.29 -4.99 -31.95
H11 GOL E . -39.58 -4.70 -29.92
H12 GOL E . -38.04 -5.50 -30.22
HO1 GOL E . -38.42 -3.63 -31.58
H2 GOL E . -39.01 -7.29 -31.35
HO2 GOL E . -41.11 -6.36 -29.62
H31 GOL E . -41.46 -7.03 -32.21
H32 GOL E . -40.15 -6.25 -33.10
HO3 GOL E . -41.67 -4.67 -32.79
C1 GOL F . 33.13 -7.57 35.83
O1 GOL F . 33.37 -6.29 36.34
C2 GOL F . 33.33 -8.59 36.93
O2 GOL F . 34.15 -8.05 37.94
C3 GOL F . 31.98 -8.97 37.52
O3 GOL F . 31.45 -10.06 36.79
H11 GOL F . 33.82 -7.78 35.01
H12 GOL F . 32.12 -7.64 35.44
HO1 GOL F . 33.31 -5.63 35.62
H2 GOL F . 33.79 -9.49 36.51
HO2 GOL F . 33.73 -7.26 38.32
H31 GOL F . 31.30 -8.12 37.46
H32 GOL F . 32.09 -9.25 38.56
HO3 GOL F . 31.56 -10.89 37.30
#